data_7R2W
#
_entry.id   7R2W
#
_cell.length_a   86.611
_cell.length_b   86.611
_cell.length_c   90.982
_cell.angle_alpha   90.00
_cell.angle_beta   90.00
_cell.angle_gamma   90.00
#
_symmetry.space_group_name_H-M   'P 42 21 2'
#
loop_
_entity.id
_entity.type
_entity.pdbx_description
1 polymer 'S-adenosylmethionine synthase'
2 non-polymer 'PHOSPHOAMINOPHOSPHONIC ACID-ADENYLATE ESTER'
3 non-polymer 'MAGNESIUM ION'
4 non-polymer 'POTASSIUM ION'
5 water water
#
_entity_poly.entity_id   1
_entity_poly.type   'polypeptide(L)'
_entity_poly.pdbx_seq_one_letter_code
;MAKHLFTSESVSEGHPDKIADQISDAVLDAILEQDPKARVACETYVKTGMVLVGGEITTSAWVDIEKITRNTVREIGYVH
SDMGFDANSCAVLSAIGQQSPDINQGVDRADPLEQGAGDQGLMFGYATNETDVLMPAPITYAHRLVQRQAEVRKNGTLPW
LRPDAKSQVTFQYDDGKIVGIDAVVLSTQHSEEIDQKSLQEAVMEEIIKPILPAEWLTSATKFFINPTGRFVIGGPMGDC
GLTGRKIIVDTYGGMARHGGGAFSGKDPSKVDRSAAYAARYVAKNIVAAGLADRCEIQVSYAIGVAEPTSIMVETFGTEK
VPSEQLTLLVREFFDLRPYGLIQMLDLLHPIYKETAAYGHFGREHFPWEKTDKAQLLRDAAGLKHHHHHH
;
_entity_poly.pdbx_strand_id   A
#
loop_
_chem_comp.id
_chem_comp.type
_chem_comp.name
_chem_comp.formula
ANP non-polymer 'PHOSPHOAMINOPHOSPHONIC ACID-ADENYLATE ESTER' 'C10 H17 N6 O12 P3'
K non-polymer 'POTASSIUM ION' 'K 1'
MG non-polymer 'MAGNESIUM ION' 'Mg 2'
#
# COMPACT_ATOMS: atom_id res chain seq x y z
N LYS A 3 -10.63 -12.04 23.25
CA LYS A 3 -10.26 -10.65 23.62
C LYS A 3 -8.79 -10.33 23.29
N HIS A 4 -8.47 -9.55 22.24
CA HIS A 4 -7.07 -9.17 21.89
C HIS A 4 -7.02 -7.73 21.34
N LEU A 5 -5.93 -7.01 21.62
CA LEU A 5 -5.62 -5.67 21.04
C LEU A 5 -4.68 -5.83 19.85
N PHE A 6 -5.05 -5.33 18.66
CA PHE A 6 -4.22 -5.33 17.44
C PHE A 6 -4.05 -3.90 16.87
N THR A 7 -2.84 -3.64 16.44
CA THR A 7 -2.37 -2.30 16.07
C THR A 7 -1.79 -2.29 14.65
N SER A 8 -2.14 -1.26 13.86
CA SER A 8 -1.57 -0.96 12.54
C SER A 8 -1.25 0.54 12.44
N GLU A 9 -0.31 0.89 11.58
CA GLU A 9 0.11 2.28 11.35
C GLU A 9 -0.03 2.63 9.87
N SER A 10 -0.01 3.92 9.60
CA SER A 10 0.22 4.37 8.20
C SER A 10 1.00 5.67 8.25
N VAL A 11 1.52 6.11 7.10
CA VAL A 11 2.31 7.35 7.01
C VAL A 11 1.79 8.14 5.84
N SER A 12 1.89 9.46 5.90
CA SER A 12 1.44 10.35 4.80
C SER A 12 2.39 10.28 3.61
N GLU A 13 1.97 10.91 2.52
CA GLU A 13 2.75 11.04 1.31
C GLU A 13 4.03 11.84 1.61
N GLY A 14 4.13 12.57 2.73
CA GLY A 14 5.32 13.38 3.03
C GLY A 14 6.31 12.68 3.95
N HIS A 15 6.02 11.47 4.41
CA HIS A 15 7.00 10.69 5.19
C HIS A 15 8.18 10.32 4.26
N PRO A 16 9.45 10.45 4.69
CA PRO A 16 10.55 10.28 3.76
C PRO A 16 10.58 8.94 3.02
N ASP A 17 10.19 7.84 3.65
CA ASP A 17 10.20 6.52 2.99
C ASP A 17 9.15 6.58 1.88
N LYS A 18 8.00 7.16 2.21
CA LYS A 18 6.90 7.31 1.20
C LYS A 18 7.29 8.28 0.08
N ILE A 19 8.09 9.31 0.37
CA ILE A 19 8.61 10.17 -0.70
C ILE A 19 9.39 9.31 -1.71
N ALA A 20 10.26 8.45 -1.20
CA ALA A 20 11.09 7.55 -2.05
C ALA A 20 10.22 6.64 -2.89
N ASP A 21 9.21 5.98 -2.28
CA ASP A 21 8.27 5.09 -2.97
C ASP A 21 7.61 5.84 -4.14
N GLN A 22 7.14 7.04 -3.87
CA GLN A 22 6.37 7.83 -4.88
C GLN A 22 7.31 8.30 -6.01
N ILE A 23 8.53 8.71 -5.71
CA ILE A 23 9.51 9.04 -6.78
C ILE A 23 9.77 7.80 -7.64
N SER A 24 10.03 6.65 -7.01
CA SER A 24 10.31 5.39 -7.73
C SER A 24 9.14 5.12 -8.67
N ASP A 25 7.91 5.24 -8.16
CA ASP A 25 6.72 4.90 -9.01
C ASP A 25 6.39 6.00 -10.00
N ALA A 26 6.72 7.26 -9.72
CA ALA A 26 6.55 8.34 -10.72
C ALA A 26 7.49 8.09 -11.89
N VAL A 27 8.69 7.63 -11.59
CA VAL A 27 9.65 7.27 -12.68
C VAL A 27 9.13 6.04 -13.45
N LEU A 28 8.62 5.02 -12.76
CA LEU A 28 8.02 3.87 -13.45
C LEU A 28 6.88 4.33 -14.37
N ASP A 29 6.00 5.17 -13.88
CA ASP A 29 4.80 5.56 -14.67
C ASP A 29 5.26 6.32 -15.93
N ALA A 30 6.19 7.22 -15.75
CA ALA A 30 6.67 8.04 -16.87
C ALA A 30 7.23 7.11 -17.95
N ILE A 31 7.94 6.06 -17.56
CA ILE A 31 8.49 5.10 -18.53
C ILE A 31 7.36 4.27 -19.17
N LEU A 32 6.42 3.77 -18.38
CA LEU A 32 5.37 2.90 -18.92
C LEU A 32 4.46 3.68 -19.85
N GLU A 33 4.31 4.98 -19.64
CA GLU A 33 3.50 5.83 -20.55
C GLU A 33 4.04 5.72 -21.98
N GLN A 34 5.34 5.61 -22.15
CA GLN A 34 6.04 5.53 -23.45
C GLN A 34 6.28 4.08 -23.86
N ASP A 35 6.58 3.19 -22.91
CA ASP A 35 7.06 1.83 -23.23
C ASP A 35 6.42 0.86 -22.23
N PRO A 36 5.19 0.37 -22.50
CA PRO A 36 4.46 -0.45 -21.51
C PRO A 36 5.17 -1.73 -21.05
N LYS A 37 6.06 -2.25 -21.86
CA LYS A 37 6.80 -3.49 -21.56
C LYS A 37 8.19 -3.14 -21.00
N ALA A 38 8.45 -1.90 -20.57
CA ALA A 38 9.75 -1.55 -19.98
C ALA A 38 10.05 -2.50 -18.82
N ARG A 39 11.33 -2.82 -18.61
CA ARG A 39 11.85 -3.38 -17.35
C ARG A 39 12.41 -2.26 -16.48
N VAL A 40 11.89 -2.16 -15.27
CA VAL A 40 12.24 -1.04 -14.37
C VAL A 40 12.45 -1.61 -12.96
N ALA A 41 13.56 -1.23 -12.37
CA ALA A 41 13.93 -1.48 -10.97
C ALA A 41 14.56 -0.21 -10.41
N CYS A 42 13.72 0.72 -9.95
CA CYS A 42 14.11 2.10 -9.62
C CYS A 42 14.05 2.31 -8.10
N GLU A 43 15.24 2.43 -7.52
CA GLU A 43 15.44 2.58 -6.08
C GLU A 43 15.83 4.01 -5.75
N THR A 44 15.07 4.62 -4.86
CA THR A 44 15.25 6.00 -4.43
C THR A 44 15.75 6.08 -2.97
N TYR A 45 16.56 7.08 -2.72
CA TYR A 45 17.16 7.39 -1.40
C TYR A 45 17.06 8.91 -1.21
N VAL A 46 16.35 9.33 -0.17
CA VAL A 46 16.21 10.78 0.10
C VAL A 46 16.78 11.07 1.49
N LYS A 47 17.46 12.17 1.59
CA LYS A 47 17.85 12.68 2.92
C LYS A 47 18.12 14.17 2.76
N THR A 48 18.50 14.82 3.84
CA THR A 48 18.81 16.27 3.84
C THR A 48 19.40 16.75 2.51
N GLY A 49 18.63 17.58 1.78
CA GLY A 49 19.05 18.32 0.58
C GLY A 49 19.08 17.48 -0.70
N MET A 50 18.83 16.16 -0.72
CA MET A 50 19.14 15.35 -1.93
C MET A 50 18.14 14.22 -2.14
N VAL A 51 17.98 13.93 -3.40
CA VAL A 51 17.35 12.66 -3.85
C VAL A 51 18.37 11.96 -4.73
N LEU A 52 18.58 10.68 -4.47
CA LEU A 52 19.34 9.78 -5.35
C LEU A 52 18.38 8.79 -5.94
N VAL A 53 18.26 8.79 -7.26
CA VAL A 53 17.38 7.84 -7.98
C VAL A 53 18.28 6.89 -8.75
N GLY A 54 18.25 5.63 -8.39
CA GLY A 54 19.14 4.64 -9.01
C GLY A 54 18.42 3.38 -9.38
N GLY A 55 19.22 2.47 -9.94
CA GLY A 55 18.82 1.11 -10.27
C GLY A 55 19.04 0.86 -11.75
N GLU A 56 18.12 0.14 -12.36
CA GLU A 56 18.32 -0.47 -13.69
C GLU A 56 17.03 -0.33 -14.50
N ILE A 57 17.09 0.14 -15.74
CA ILE A 57 15.93 0.18 -16.66
C ILE A 57 16.33 -0.39 -18.00
N THR A 58 15.44 -1.16 -18.58
CA THR A 58 15.49 -1.62 -19.99
C THR A 58 14.29 -1.05 -20.68
N THR A 59 14.50 -0.04 -21.51
CA THR A 59 13.39 0.70 -22.12
C THR A 59 13.84 1.48 -23.34
N SER A 60 12.89 1.64 -24.24
CA SER A 60 12.95 2.59 -25.38
C SER A 60 12.54 3.99 -24.89
N ALA A 61 11.98 4.16 -23.71
CA ALA A 61 11.45 5.48 -23.28
C ALA A 61 12.61 6.48 -23.05
N TRP A 62 12.30 7.76 -23.16
CA TRP A 62 13.21 8.88 -22.82
C TRP A 62 12.51 9.74 -21.77
N VAL A 63 12.99 9.71 -20.52
CA VAL A 63 12.36 10.46 -19.39
C VAL A 63 13.41 11.37 -18.76
N ASP A 64 12.94 12.46 -18.17
CA ASP A 64 13.79 13.41 -17.47
C ASP A 64 13.60 13.07 -15.99
N ILE A 65 14.54 12.30 -15.42
CA ILE A 65 14.48 11.84 -14.02
C ILE A 65 14.44 13.04 -13.09
N GLU A 66 15.24 14.06 -13.36
CA GLU A 66 15.24 15.27 -12.51
C GLU A 66 13.88 15.98 -12.46
N LYS A 67 13.23 16.22 -13.60
CA LYS A 67 11.92 16.92 -13.62
C LYS A 67 10.86 16.07 -12.94
N ILE A 68 10.86 14.75 -13.19
CA ILE A 68 9.88 13.83 -12.56
C ILE A 68 10.03 13.87 -11.03
N THR A 69 11.26 13.79 -10.56
CA THR A 69 11.61 13.88 -9.13
C THR A 69 11.10 15.20 -8.55
N ARG A 70 11.52 16.32 -9.11
CA ARG A 70 11.14 17.65 -8.60
C ARG A 70 9.61 17.78 -8.63
N ASN A 71 8.95 17.35 -9.69
CA ASN A 71 7.47 17.45 -9.81
C ASN A 71 6.87 16.64 -8.65
N THR A 72 7.39 15.45 -8.39
CA THR A 72 6.83 14.53 -7.37
C THR A 72 6.95 15.19 -5.98
N VAL A 73 8.13 15.70 -5.67
CA VAL A 73 8.36 16.36 -4.36
C VAL A 73 7.46 17.60 -4.25
N ARG A 74 7.33 18.35 -5.32
CA ARG A 74 6.49 19.59 -5.30
C ARG A 74 5.03 19.20 -4.95
N GLU A 75 4.49 18.20 -5.63
CA GLU A 75 3.10 17.72 -5.42
C GLU A 75 2.94 17.30 -3.96
N ILE A 76 3.93 16.60 -3.41
CA ILE A 76 3.86 16.16 -1.98
C ILE A 76 3.79 17.37 -1.06
N GLY A 77 4.46 18.45 -1.46
CA GLY A 77 4.28 19.73 -0.77
C GLY A 77 5.56 20.35 -0.23
N TYR A 78 6.72 19.74 -0.47
CA TYR A 78 8.01 20.31 0.00
C TYR A 78 8.53 21.36 -0.97
N VAL A 79 8.30 22.63 -0.62
CA VAL A 79 8.55 23.75 -1.57
C VAL A 79 9.30 24.91 -0.88
N HIS A 80 9.94 24.67 0.25
CA HIS A 80 10.66 25.72 0.99
C HIS A 80 11.67 25.20 2.00
N SER A 81 12.82 25.85 2.15
CA SER A 81 13.81 25.47 3.20
C SER A 81 13.19 25.51 4.59
N ASP A 82 12.20 26.36 4.90
CA ASP A 82 11.59 26.38 6.25
C ASP A 82 10.98 25.03 6.62
N MET A 83 10.52 24.21 5.65
CA MET A 83 9.91 22.87 5.93
C MET A 83 10.97 21.76 6.04
N GLY A 84 12.21 22.10 5.69
CA GLY A 84 13.34 21.15 5.69
C GLY A 84 13.70 20.67 4.28
N PHE A 85 12.90 20.95 3.25
CA PHE A 85 13.14 20.33 1.92
C PHE A 85 12.38 21.12 0.86
N ASP A 86 13.01 21.34 -0.28
CA ASP A 86 12.49 22.17 -1.37
C ASP A 86 12.67 21.43 -2.69
N ALA A 87 11.56 21.12 -3.35
CA ALA A 87 11.51 20.50 -4.69
C ALA A 87 12.39 21.25 -5.67
N ASN A 88 12.35 22.56 -5.61
CA ASN A 88 12.94 23.48 -6.62
C ASN A 88 14.45 23.62 -6.45
N SER A 89 14.95 23.36 -5.24
CA SER A 89 16.36 23.73 -4.95
C SER A 89 17.13 22.53 -4.37
N CYS A 90 16.50 21.37 -4.13
CA CYS A 90 17.25 20.17 -3.64
C CYS A 90 18.18 19.64 -4.76
N ALA A 91 19.11 18.77 -4.40
CA ALA A 91 19.94 18.05 -5.38
C ALA A 91 19.18 16.84 -5.88
N VAL A 92 19.27 16.57 -7.18
CA VAL A 92 18.75 15.28 -7.72
C VAL A 92 19.94 14.64 -8.42
N LEU A 93 20.34 13.48 -7.98
CA LEU A 93 21.43 12.69 -8.59
C LEU A 93 20.78 11.44 -9.18
N SER A 94 21.22 11.03 -10.33
CA SER A 94 20.72 9.88 -11.07
C SER A 94 21.86 8.87 -11.23
N ALA A 95 21.64 7.59 -10.91
CA ALA A 95 22.59 6.50 -11.15
C ALA A 95 21.80 5.29 -11.65
N ILE A 96 21.09 5.49 -12.73
CA ILE A 96 20.29 4.45 -13.43
C ILE A 96 21.11 3.92 -14.59
N GLY A 97 21.46 2.64 -14.51
CA GLY A 97 21.99 1.87 -15.64
C GLY A 97 20.86 1.53 -16.59
N GLN A 98 20.98 1.92 -17.88
CA GLN A 98 20.04 1.61 -18.99
C GLN A 98 20.55 0.40 -19.80
N GLN A 99 21.51 -0.37 -19.27
CA GLN A 99 21.89 -1.73 -19.74
C GLN A 99 21.63 -2.76 -18.63
N ASP A 111 5.86 -19.31 -26.49
CA ASP A 111 4.58 -18.86 -25.89
C ASP A 111 4.91 -17.94 -24.71
N PRO A 112 4.45 -16.67 -24.74
CA PRO A 112 4.94 -15.64 -23.81
C PRO A 112 4.52 -15.89 -22.34
N LEU A 113 3.44 -16.67 -22.12
CA LEU A 113 2.95 -17.01 -20.75
C LEU A 113 3.81 -18.13 -20.14
N GLU A 114 4.79 -18.65 -20.87
CA GLU A 114 5.67 -19.73 -20.31
C GLU A 114 7.00 -19.12 -19.82
N GLN A 115 7.16 -17.82 -19.98
CA GLN A 115 8.29 -17.03 -19.46
C GLN A 115 8.48 -17.31 -17.96
N GLY A 116 9.74 -17.51 -17.56
CA GLY A 116 10.08 -17.78 -16.15
C GLY A 116 9.95 -16.55 -15.30
N ALA A 117 9.77 -16.74 -13.99
CA ALA A 117 9.87 -15.66 -13.01
C ALA A 117 11.26 -15.01 -13.11
N GLY A 118 11.29 -13.70 -12.95
CA GLY A 118 12.52 -12.90 -13.01
C GLY A 118 13.38 -13.07 -11.76
N ASP A 119 12.85 -13.69 -10.73
CA ASP A 119 13.56 -13.82 -9.43
C ASP A 119 12.83 -14.88 -8.61
N GLN A 120 13.49 -15.44 -7.60
CA GLN A 120 12.76 -16.30 -6.64
C GLN A 120 11.97 -15.36 -5.73
N GLY A 121 11.24 -15.93 -4.79
CA GLY A 121 10.63 -15.15 -3.73
C GLY A 121 9.31 -15.74 -3.29
N LEU A 122 8.77 -15.12 -2.25
CA LEU A 122 7.45 -15.49 -1.71
C LEU A 122 6.60 -14.23 -1.49
N MET A 123 5.28 -14.41 -1.72
CA MET A 123 4.34 -13.27 -1.74
C MET A 123 3.06 -13.71 -1.05
N PHE A 124 2.47 -12.82 -0.25
CA PHE A 124 1.20 -13.12 0.38
C PHE A 124 0.13 -12.14 -0.07
N GLY A 125 -1.11 -12.64 -0.11
CA GLY A 125 -2.30 -11.82 -0.28
C GLY A 125 -3.33 -12.13 0.79
N TYR A 126 -4.20 -11.20 1.07
CA TYR A 126 -5.15 -11.38 2.18
C TYR A 126 -6.46 -10.65 1.89
N ALA A 127 -7.55 -11.17 2.45
CA ALA A 127 -8.87 -10.52 2.46
C ALA A 127 -9.60 -10.99 3.70
N THR A 128 -10.46 -10.09 4.20
CA THR A 128 -11.31 -10.35 5.38
C THR A 128 -12.60 -9.54 5.26
N ASN A 129 -13.72 -10.11 5.68
CA ASN A 129 -14.98 -9.37 5.47
C ASN A 129 -15.24 -8.49 6.69
N GLU A 130 -14.22 -8.08 7.42
CA GLU A 130 -14.48 -7.15 8.55
C GLU A 130 -14.67 -5.72 8.06
N THR A 131 -14.32 -5.39 6.82
CA THR A 131 -14.71 -4.11 6.16
C THR A 131 -15.39 -4.38 4.81
N ASP A 132 -16.08 -3.39 4.27
CA ASP A 132 -16.76 -3.52 2.95
C ASP A 132 -15.76 -3.72 1.81
N VAL A 133 -14.55 -3.14 1.88
CA VAL A 133 -13.46 -3.32 0.88
C VAL A 133 -12.67 -4.61 1.15
N LEU A 134 -13.08 -5.44 2.11
CA LEU A 134 -12.50 -6.77 2.37
C LEU A 134 -11.05 -6.63 2.82
N MET A 135 -10.75 -5.56 3.56
CA MET A 135 -9.44 -5.26 4.21
C MET A 135 -9.60 -5.33 5.72
N PRO A 136 -8.51 -5.60 6.43
CA PRO A 136 -8.47 -5.41 7.87
C PRO A 136 -8.80 -3.96 8.27
N ALA A 137 -9.63 -3.79 9.29
CA ALA A 137 -10.03 -2.46 9.77
C ALA A 137 -8.84 -1.62 10.22
N PRO A 138 -7.84 -2.15 11.00
CA PRO A 138 -6.77 -1.28 11.52
C PRO A 138 -5.99 -0.56 10.40
N ILE A 139 -5.52 -1.27 9.38
CA ILE A 139 -4.76 -0.59 8.29
C ILE A 139 -5.72 0.37 7.57
N THR A 140 -6.97 -0.04 7.40
CA THR A 140 -7.96 0.79 6.63
C THR A 140 -8.06 2.17 7.27
N TYR A 141 -8.26 2.20 8.58
CA TYR A 141 -8.50 3.45 9.33
C TYR A 141 -7.19 4.20 9.55
N ALA A 142 -6.05 3.50 9.64
CA ALA A 142 -4.73 4.18 9.70
C ALA A 142 -4.47 4.95 8.39
N HIS A 143 -4.73 4.35 7.25
CA HIS A 143 -4.56 5.01 5.96
C HIS A 143 -5.53 6.21 5.87
N ARG A 144 -6.78 5.99 6.21
CA ARG A 144 -7.77 7.07 6.09
C ARG A 144 -7.33 8.26 6.94
N LEU A 145 -6.75 8.03 8.13
CA LEU A 145 -6.30 9.16 8.96
C LEU A 145 -5.23 10.00 8.25
N VAL A 146 -4.19 9.38 7.72
CA VAL A 146 -3.11 10.18 7.07
C VAL A 146 -3.60 10.73 5.75
N GLN A 147 -4.47 10.03 5.06
CA GLN A 147 -5.05 10.55 3.80
C GLN A 147 -5.87 11.80 4.12
N ARG A 148 -6.60 11.78 5.23
CA ARG A 148 -7.38 12.95 5.70
C ARG A 148 -6.45 14.09 6.05
N GLN A 149 -5.34 13.83 6.79
CA GLN A 149 -4.31 14.84 7.15
C GLN A 149 -3.84 15.55 5.86
N ALA A 150 -3.60 14.79 4.78
CA ALA A 150 -3.08 15.37 3.51
C ALA A 150 -4.21 16.22 2.89
N GLU A 151 -5.44 15.72 2.92
CA GLU A 151 -6.57 16.41 2.26
C GLU A 151 -6.81 17.80 2.92
N VAL A 152 -6.85 17.87 4.26
CA VAL A 152 -7.12 19.14 4.99
C VAL A 152 -5.90 20.04 4.95
N ARG A 153 -4.68 19.46 4.78
CA ARG A 153 -3.49 20.29 4.49
C ARG A 153 -3.64 20.93 3.11
N LYS A 154 -3.96 20.14 2.08
CA LYS A 154 -3.85 20.66 0.68
C LYS A 154 -5.08 21.52 0.35
N ASN A 155 -6.23 21.29 0.98
CA ASN A 155 -7.45 22.02 0.56
C ASN A 155 -7.54 23.35 1.33
N GLY A 156 -6.56 23.67 2.19
CA GLY A 156 -6.57 24.89 3.02
C GLY A 156 -7.47 24.82 4.26
N THR A 157 -8.10 23.68 4.57
CA THR A 157 -8.89 23.57 5.82
C THR A 157 -7.90 23.85 6.97
N LEU A 158 -6.76 23.18 7.05
CA LEU A 158 -5.66 23.47 8.04
C LEU A 158 -4.37 23.83 7.31
N PRO A 159 -4.24 25.09 6.88
CA PRO A 159 -3.15 25.43 5.96
C PRO A 159 -1.76 25.38 6.60
N TRP A 160 -1.67 25.37 7.93
CA TRP A 160 -0.41 25.29 8.73
C TRP A 160 0.12 23.85 8.78
N LEU A 161 -0.63 22.85 8.33
CA LEU A 161 -0.11 21.45 8.31
C LEU A 161 1.07 21.40 7.33
N ARG A 162 2.01 20.49 7.56
CA ARG A 162 3.14 20.27 6.63
C ARG A 162 3.10 18.79 6.23
N PRO A 163 3.85 18.41 5.21
CA PRO A 163 3.56 17.12 4.57
C PRO A 163 3.76 15.85 5.37
N ASP A 164 4.71 15.85 6.32
CA ASP A 164 5.10 14.61 7.05
C ASP A 164 4.13 14.32 8.19
N ALA A 165 3.54 13.14 8.22
CA ALA A 165 2.66 12.68 9.28
C ALA A 165 2.72 11.16 9.41
N LYS A 166 2.30 10.69 10.58
CA LYS A 166 2.05 9.25 10.84
C LYS A 166 0.77 9.07 11.66
N SER A 167 0.14 7.94 11.47
CA SER A 167 -1.03 7.51 12.23
C SER A 167 -0.81 6.09 12.77
N GLN A 168 -1.49 5.81 13.85
CA GLN A 168 -1.47 4.43 14.38
C GLN A 168 -2.77 4.15 15.13
N VAL A 169 -3.41 3.00 14.84
CA VAL A 169 -4.73 2.70 15.48
C VAL A 169 -4.66 1.28 16.08
N THR A 170 -5.02 1.22 17.36
CA THR A 170 -5.13 -0.05 18.11
C THR A 170 -6.60 -0.40 18.25
N PHE A 171 -7.05 -1.47 17.61
CA PHE A 171 -8.44 -1.97 17.71
C PHE A 171 -8.51 -2.98 18.84
N GLN A 172 -9.69 -3.05 19.46
CA GLN A 172 -9.99 -4.12 20.42
C GLN A 172 -10.89 -5.12 19.74
N TYR A 173 -10.51 -6.37 19.86
CA TYR A 173 -11.27 -7.51 19.31
C TYR A 173 -11.76 -8.31 20.52
N ASP A 174 -12.90 -8.93 20.34
CA ASP A 174 -13.47 -9.86 21.35
C ASP A 174 -13.83 -11.11 20.57
N ASP A 175 -13.06 -12.18 20.75
CA ASP A 175 -13.10 -13.38 19.86
C ASP A 175 -13.44 -12.92 18.45
N GLY A 176 -12.56 -12.09 17.89
CA GLY A 176 -12.42 -11.85 16.45
C GLY A 176 -13.43 -10.87 15.92
N LYS A 177 -14.22 -10.24 16.79
CA LYS A 177 -15.17 -9.17 16.41
C LYS A 177 -14.65 -7.84 16.96
N ILE A 178 -14.65 -6.83 16.13
CA ILE A 178 -14.18 -5.47 16.53
C ILE A 178 -15.10 -5.01 17.65
N VAL A 179 -14.55 -4.66 18.80
CA VAL A 179 -15.35 -4.06 19.90
C VAL A 179 -15.27 -2.54 19.74
N GLY A 180 -14.07 -2.01 19.55
CA GLY A 180 -13.86 -0.56 19.42
C GLY A 180 -12.42 -0.27 19.09
N ILE A 181 -12.07 1.02 19.22
CA ILE A 181 -10.68 1.54 19.05
C ILE A 181 -10.16 1.89 20.44
N ASP A 182 -9.02 1.33 20.82
CA ASP A 182 -8.44 1.53 22.16
C ASP A 182 -7.50 2.71 22.18
N ALA A 183 -6.79 2.94 21.06
CA ALA A 183 -5.75 3.97 21.04
C ALA A 183 -5.57 4.49 19.63
N VAL A 184 -5.31 5.77 19.59
CA VAL A 184 -5.13 6.50 18.30
C VAL A 184 -3.90 7.38 18.47
N VAL A 185 -2.93 7.23 17.57
CA VAL A 185 -1.75 8.11 17.48
C VAL A 185 -1.85 8.91 16.18
N LEU A 186 -1.67 10.21 16.28
CA LEU A 186 -1.58 11.09 15.09
C LEU A 186 -0.46 12.08 15.33
N SER A 187 0.63 11.98 14.59
CA SER A 187 1.81 12.87 14.68
C SER A 187 1.92 13.61 13.34
N THR A 188 1.78 14.93 13.34
CA THR A 188 1.85 15.70 12.10
C THR A 188 2.90 16.81 12.20
N GLN A 189 3.55 17.00 11.08
CA GLN A 189 4.41 18.18 10.85
C GLN A 189 3.51 19.40 10.73
N HIS A 190 4.08 20.55 11.03
CA HIS A 190 3.32 21.80 11.02
C HIS A 190 4.30 22.97 10.99
N SER A 191 3.77 24.11 10.56
CA SER A 191 4.50 25.40 10.61
C SER A 191 4.65 25.91 12.04
N GLU A 192 5.55 26.86 12.19
CA GLU A 192 6.03 27.34 13.49
C GLU A 192 4.91 28.09 14.22
N GLU A 193 3.94 28.66 13.49
CA GLU A 193 2.95 29.63 14.03
C GLU A 193 1.86 29.00 14.91
N ILE A 194 1.45 27.73 14.66
CA ILE A 194 0.35 27.02 15.40
C ILE A 194 0.93 26.57 16.73
N ASP A 195 0.19 26.70 17.83
CA ASP A 195 0.57 26.18 19.16
C ASP A 195 -0.03 24.77 19.26
N GLN A 196 0.49 23.96 20.19
CA GLN A 196 0.16 22.53 20.31
C GLN A 196 -1.29 22.31 20.76
N LYS A 197 -1.86 23.15 21.64
CA LYS A 197 -3.29 22.94 22.06
C LYS A 197 -4.18 23.16 20.84
N SER A 198 -3.93 24.24 20.09
CA SER A 198 -4.62 24.54 18.82
C SER A 198 -4.46 23.35 17.88
N LEU A 199 -3.24 22.87 17.71
CA LEU A 199 -2.98 21.73 16.81
C LEU A 199 -3.77 20.49 17.28
N GLN A 200 -3.77 20.20 18.57
CA GLN A 200 -4.48 18.97 19.03
C GLN A 200 -5.99 19.06 18.81
N GLU A 201 -6.59 20.21 19.10
CA GLU A 201 -8.04 20.43 18.91
C GLU A 201 -8.38 20.26 17.42
N ALA A 202 -7.59 20.87 16.54
CA ALA A 202 -7.84 20.87 15.07
C ALA A 202 -7.68 19.44 14.51
N VAL A 203 -6.67 18.74 14.96
CA VAL A 203 -6.46 17.33 14.50
C VAL A 203 -7.61 16.44 14.98
N MET A 204 -8.04 16.62 16.22
CA MET A 204 -9.22 15.88 16.74
C MET A 204 -10.44 16.23 15.89
N GLU A 205 -10.70 17.52 15.62
CA GLU A 205 -11.97 17.92 14.96
C GLU A 205 -11.98 17.66 13.44
N GLU A 206 -10.87 17.91 12.73
CA GLU A 206 -10.76 17.85 11.24
C GLU A 206 -10.21 16.52 10.75
N ILE A 207 -9.47 15.77 11.58
CA ILE A 207 -8.82 14.54 11.04
C ILE A 207 -9.38 13.30 11.73
N ILE A 208 -9.28 13.22 13.04
CA ILE A 208 -9.72 12.02 13.81
C ILE A 208 -11.24 11.80 13.82
N LYS A 209 -12.04 12.76 14.30
CA LYS A 209 -13.49 12.53 14.53
C LYS A 209 -14.23 12.27 13.21
N PRO A 210 -13.88 12.93 12.08
CA PRO A 210 -14.52 12.67 10.77
C PRO A 210 -14.17 11.32 10.11
N ILE A 211 -13.10 10.66 10.56
CA ILE A 211 -12.63 9.42 9.92
C ILE A 211 -13.00 8.19 10.75
N LEU A 212 -12.87 8.21 12.09
CA LEU A 212 -13.11 7.01 12.93
C LEU A 212 -14.57 6.98 13.36
N PRO A 213 -15.29 5.88 13.13
CA PRO A 213 -16.68 5.72 13.57
C PRO A 213 -16.83 6.03 15.06
N ALA A 214 -17.80 6.89 15.41
CA ALA A 214 -18.05 7.40 16.77
C ALA A 214 -18.37 6.21 17.70
N GLU A 215 -19.04 5.17 17.17
CA GLU A 215 -19.35 3.91 17.91
C GLU A 215 -18.09 3.31 18.51
N TRP A 216 -16.95 3.46 17.86
CA TRP A 216 -15.73 2.73 18.26
C TRP A 216 -14.93 3.58 19.22
N LEU A 217 -15.36 4.83 19.42
CA LEU A 217 -14.63 5.82 20.26
C LEU A 217 -15.41 5.97 21.55
N THR A 218 -14.79 5.62 22.66
CA THR A 218 -15.40 5.58 24.00
C THR A 218 -14.40 6.14 24.99
N SER A 219 -14.77 6.04 26.26
CA SER A 219 -14.03 6.62 27.42
C SER A 219 -12.70 5.88 27.56
N ALA A 220 -12.66 4.63 27.10
CA ALA A 220 -11.49 3.73 27.10
C ALA A 220 -10.51 4.10 25.98
N THR A 221 -10.87 5.04 25.08
CA THR A 221 -10.02 5.37 23.91
C THR A 221 -8.95 6.36 24.35
N LYS A 222 -7.67 6.02 24.14
CA LYS A 222 -6.56 6.96 24.42
C LYS A 222 -6.14 7.64 23.10
N PHE A 223 -5.88 8.93 23.17
CA PHE A 223 -5.50 9.76 22.00
C PHE A 223 -4.13 10.33 22.32
N PHE A 224 -3.17 10.09 21.43
CA PHE A 224 -1.82 10.64 21.47
C PHE A 224 -1.64 11.48 20.20
N ILE A 225 -1.93 12.76 20.30
CA ILE A 225 -1.80 13.72 19.17
C ILE A 225 -0.52 14.49 19.42
N ASN A 226 0.40 14.41 18.44
CA ASN A 226 1.75 15.03 18.49
C ASN A 226 2.22 14.87 19.91
N PRO A 227 2.36 13.63 20.40
CA PRO A 227 2.70 13.40 21.79
C PRO A 227 4.10 13.91 22.16
N THR A 228 4.96 14.26 21.21
CA THR A 228 6.25 14.91 21.60
C THR A 228 6.16 16.41 21.41
N GLY A 229 4.96 16.93 21.09
CA GLY A 229 4.72 18.36 20.79
C GLY A 229 5.20 18.76 19.41
N ARG A 230 6.04 19.80 19.35
CA ARG A 230 6.40 20.49 18.08
C ARG A 230 7.14 19.54 17.10
N PHE A 231 6.74 19.67 15.86
CA PHE A 231 7.17 18.84 14.72
C PHE A 231 7.16 19.78 13.53
N VAL A 232 8.21 20.60 13.45
CA VAL A 232 8.32 21.67 12.41
C VAL A 232 9.21 21.18 11.25
N ILE A 233 10.33 20.56 11.62
CA ILE A 233 11.37 19.97 10.73
C ILE A 233 11.01 18.50 10.53
N GLY A 234 11.00 18.05 9.28
CA GLY A 234 10.64 16.66 8.94
C GLY A 234 10.91 16.38 7.49
N GLY A 235 10.19 15.44 6.92
CA GLY A 235 10.51 14.94 5.58
C GLY A 235 11.96 14.47 5.65
N PRO A 236 12.73 14.63 4.56
CA PRO A 236 14.08 14.06 4.52
C PRO A 236 15.09 14.67 5.51
N MET A 237 14.81 15.85 6.06
CA MET A 237 15.75 16.58 6.95
C MET A 237 15.86 15.86 8.29
N GLY A 238 14.70 15.45 8.78
CA GLY A 238 14.49 14.58 9.97
C GLY A 238 14.92 13.10 9.84
N ASP A 239 14.75 12.45 8.69
CA ASP A 239 14.84 11.00 8.62
C ASP A 239 15.19 10.63 7.17
N CYS A 240 16.25 9.87 6.93
CA CYS A 240 16.53 9.30 5.60
CA CYS A 240 16.52 9.26 5.60
C CYS A 240 15.33 8.45 5.16
N GLY A 241 15.00 8.49 3.88
CA GLY A 241 13.91 7.72 3.32
C GLY A 241 14.44 6.86 2.18
N LEU A 242 13.98 5.62 2.12
CA LEU A 242 14.35 4.71 1.03
C LEU A 242 13.14 3.99 0.48
N THR A 243 13.16 3.69 -0.82
CA THR A 243 12.13 2.83 -1.46
C THR A 243 11.96 1.54 -0.67
N GLY A 244 10.73 1.07 -0.46
CA GLY A 244 10.52 -0.30 0.03
C GLY A 244 10.77 -0.47 1.51
N ARG A 245 10.60 0.59 2.27
CA ARG A 245 10.78 0.58 3.73
C ARG A 245 9.44 0.79 4.45
N LYS A 246 8.35 0.70 3.72
CA LYS A 246 7.00 0.77 4.33
C LYS A 246 6.16 -0.36 3.79
N ILE A 247 6.72 -1.59 3.72
CA ILE A 247 6.03 -2.69 2.99
C ILE A 247 4.81 -3.20 3.78
N ILE A 248 4.72 -2.95 5.05
CA ILE A 248 3.59 -3.45 5.89
C ILE A 248 2.50 -2.37 5.84
N VAL A 249 2.86 -1.07 5.84
CA VAL A 249 1.88 0.03 5.54
C VAL A 249 1.30 -0.21 4.13
N ASP A 250 2.11 -0.66 3.18
CA ASP A 250 1.67 -0.77 1.75
C ASP A 250 0.65 -1.89 1.59
N THR A 251 0.61 -2.85 2.53
CA THR A 251 -0.12 -4.13 2.39
C THR A 251 -1.26 -4.19 3.42
N TYR A 252 -1.08 -4.88 4.55
CA TYR A 252 -2.22 -5.19 5.44
C TYR A 252 -1.97 -4.74 6.87
N GLY A 253 -0.98 -3.87 7.09
CA GLY A 253 -0.74 -3.31 8.43
C GLY A 253 -0.34 -4.36 9.46
N GLY A 254 0.19 -5.50 9.01
CA GLY A 254 0.68 -6.56 9.91
C GLY A 254 -0.36 -7.62 10.16
N MET A 255 -1.63 -7.42 9.74
CA MET A 255 -2.72 -8.42 10.05
C MET A 255 -2.40 -9.72 9.30
N ALA A 256 -1.81 -9.60 8.12
CA ALA A 256 -1.44 -10.71 7.23
C ALA A 256 0.08 -10.78 7.15
N ARG A 257 0.56 -11.92 6.71
CA ARG A 257 2.00 -12.13 6.55
C ARG A 257 2.51 -11.38 5.34
N HIS A 258 3.84 -11.35 5.18
CA HIS A 258 4.53 -10.63 4.10
C HIS A 258 5.74 -11.45 3.68
N GLY A 259 5.98 -11.48 2.38
CA GLY A 259 7.13 -12.19 1.77
C GLY A 259 8.43 -11.38 1.72
N GLY A 260 8.40 -10.10 2.00
CA GLY A 260 9.60 -9.24 2.10
C GLY A 260 9.84 -8.34 0.92
N GLY A 261 9.16 -8.58 -0.22
CA GLY A 261 9.43 -7.77 -1.42
C GLY A 261 8.74 -6.41 -1.40
N ALA A 262 9.44 -5.41 -1.89
CA ALA A 262 8.95 -4.06 -2.03
C ALA A 262 8.21 -3.95 -3.36
N PHE A 263 7.26 -3.05 -3.44
CA PHE A 263 6.48 -2.84 -4.68
C PHE A 263 7.06 -1.74 -5.57
N SER A 264 7.31 -0.58 -5.00
CA SER A 264 7.50 0.69 -5.78
C SER A 264 8.82 0.64 -6.54
N GLY A 265 8.76 1.19 -7.76
CA GLY A 265 9.89 1.27 -8.69
C GLY A 265 10.06 -0.03 -9.49
N LYS A 266 9.16 -1.02 -9.34
CA LYS A 266 9.21 -2.32 -10.05
C LYS A 266 8.12 -2.40 -11.12
N ASP A 267 8.50 -2.74 -12.32
CA ASP A 267 7.51 -3.00 -13.41
C ASP A 267 6.76 -4.30 -13.08
N PRO A 268 5.60 -4.54 -13.73
CA PRO A 268 4.78 -5.75 -13.48
C PRO A 268 5.37 -7.11 -13.81
N SER A 269 6.55 -7.19 -14.44
CA SER A 269 7.28 -8.46 -14.67
C SER A 269 7.93 -8.90 -13.36
N LYS A 270 8.00 -8.03 -12.35
CA LYS A 270 8.66 -8.39 -11.05
C LYS A 270 7.59 -9.04 -10.19
N VAL A 271 7.73 -10.34 -9.91
CA VAL A 271 6.68 -11.10 -9.17
C VAL A 271 6.57 -10.53 -7.76
N ASP A 272 7.57 -9.82 -7.24
CA ASP A 272 7.41 -9.23 -5.90
C ASP A 272 6.15 -8.33 -5.91
N ARG A 273 5.91 -7.62 -6.99
CA ARG A 273 4.72 -6.74 -7.10
C ARG A 273 3.55 -7.53 -7.72
N SER A 274 3.73 -8.07 -8.92
CA SER A 274 2.61 -8.64 -9.67
C SER A 274 2.01 -9.82 -8.89
N ALA A 275 2.81 -10.69 -8.29
CA ALA A 275 2.22 -11.87 -7.62
C ALA A 275 1.57 -11.48 -6.29
N ALA A 276 2.06 -10.45 -5.61
CA ALA A 276 1.36 -9.92 -4.42
C ALA A 276 0.01 -9.34 -4.85
N TYR A 277 -0.03 -8.60 -5.96
CA TYR A 277 -1.32 -8.05 -6.47
C TYR A 277 -2.27 -9.21 -6.79
N ALA A 278 -1.74 -10.22 -7.48
CA ALA A 278 -2.56 -11.39 -7.87
C ALA A 278 -3.06 -12.08 -6.61
N ALA A 279 -2.22 -12.25 -5.60
CA ALA A 279 -2.60 -12.96 -4.35
C ALA A 279 -3.71 -12.20 -3.63
N ARG A 280 -3.69 -10.87 -3.66
CA ARG A 280 -4.78 -10.03 -3.12
C ARG A 280 -6.06 -10.30 -3.89
N TYR A 281 -5.93 -10.37 -5.23
CA TYR A 281 -7.09 -10.54 -6.12
C TYR A 281 -7.74 -11.89 -5.82
N VAL A 282 -6.90 -12.92 -5.74
CA VAL A 282 -7.36 -14.28 -5.40
C VAL A 282 -8.06 -14.27 -4.05
N ALA A 283 -7.41 -13.80 -2.98
CA ALA A 283 -7.98 -13.81 -1.63
C ALA A 283 -9.31 -13.03 -1.64
N LYS A 284 -9.28 -11.87 -2.25
CA LYS A 284 -10.48 -10.99 -2.23
C LYS A 284 -11.64 -11.69 -2.95
N ASN A 285 -11.37 -12.38 -4.05
CA ASN A 285 -12.48 -13.03 -4.78
C ASN A 285 -13.00 -14.25 -4.01
N ILE A 286 -12.14 -14.99 -3.30
CA ILE A 286 -12.60 -16.09 -2.42
C ILE A 286 -13.56 -15.52 -1.36
N VAL A 287 -13.17 -14.47 -0.68
CA VAL A 287 -14.00 -13.91 0.41
C VAL A 287 -15.29 -13.30 -0.18
N ALA A 288 -15.18 -12.55 -1.26
CA ALA A 288 -16.38 -11.97 -1.94
C ALA A 288 -17.33 -13.08 -2.43
N ALA A 289 -16.77 -14.23 -2.80
CA ALA A 289 -17.56 -15.42 -3.21
C ALA A 289 -18.33 -16.03 -2.04
N GLY A 290 -17.96 -15.75 -0.78
CA GLY A 290 -18.55 -16.38 0.41
C GLY A 290 -17.93 -17.75 0.66
N LEU A 291 -16.70 -17.98 0.20
CA LEU A 291 -16.05 -19.30 0.32
C LEU A 291 -15.21 -19.29 1.60
N ALA A 292 -15.05 -18.13 2.22
CA ALA A 292 -14.39 -17.98 3.53
C ALA A 292 -14.68 -16.57 4.04
N ASP A 293 -14.47 -16.34 5.33
CA ASP A 293 -14.63 -14.99 5.92
C ASP A 293 -13.29 -14.27 5.92
N ARG A 294 -12.20 -15.04 5.93
CA ARG A 294 -10.85 -14.52 5.77
C ARG A 294 -9.94 -15.57 5.14
N CYS A 295 -9.03 -15.07 4.33
CA CYS A 295 -8.23 -15.88 3.39
C CYS A 295 -6.86 -15.23 3.16
N GLU A 296 -5.82 -16.01 3.37
CA GLU A 296 -4.43 -15.59 3.15
C GLU A 296 -3.93 -16.55 2.10
N ILE A 297 -3.29 -15.99 1.06
CA ILE A 297 -2.69 -16.80 -0.02
C ILE A 297 -1.19 -16.62 0.06
N GLN A 298 -0.42 -17.71 -0.05
CA GLN A 298 1.03 -17.55 -0.25
C GLN A 298 1.34 -18.16 -1.59
N VAL A 299 2.19 -17.51 -2.36
CA VAL A 299 2.74 -18.08 -3.59
C VAL A 299 4.25 -17.87 -3.55
N SER A 300 4.98 -18.69 -4.27
CA SER A 300 6.44 -18.50 -4.36
C SER A 300 6.91 -18.95 -5.74
N TYR A 301 8.06 -18.46 -6.15
CA TYR A 301 8.63 -18.66 -7.49
C TYR A 301 10.10 -19.07 -7.35
N ALA A 302 10.60 -19.70 -8.39
CA ALA A 302 12.06 -19.88 -8.61
C ALA A 302 12.45 -19.11 -9.86
N ILE A 303 13.57 -18.40 -9.83
CA ILE A 303 14.05 -17.62 -11.00
C ILE A 303 14.12 -18.59 -12.22
N GLY A 304 13.54 -18.15 -13.33
CA GLY A 304 13.54 -18.87 -14.61
C GLY A 304 12.51 -19.96 -14.70
N VAL A 305 11.58 -20.10 -13.73
CA VAL A 305 10.54 -21.16 -13.67
C VAL A 305 9.18 -20.44 -13.76
N ALA A 306 8.27 -20.85 -14.66
CA ALA A 306 6.97 -20.14 -14.85
C ALA A 306 5.99 -20.55 -13.75
N GLU A 307 5.81 -21.84 -13.50
CA GLU A 307 4.90 -22.35 -12.45
C GLU A 307 5.48 -22.04 -11.08
N PRO A 308 4.66 -21.42 -10.20
CA PRO A 308 5.07 -21.18 -8.82
C PRO A 308 5.57 -22.47 -8.19
N THR A 309 6.62 -22.34 -7.39
CA THR A 309 7.17 -23.44 -6.58
C THR A 309 6.17 -23.82 -5.51
N SER A 310 5.28 -22.91 -5.12
CA SER A 310 4.26 -23.26 -4.13
C SER A 310 3.08 -22.31 -4.15
N ILE A 311 1.95 -22.85 -3.78
CA ILE A 311 0.68 -22.11 -3.50
C ILE A 311 0.09 -22.65 -2.23
N MET A 312 -0.32 -21.77 -1.33
CA MET A 312 -0.92 -22.13 -0.04
C MET A 312 -2.19 -21.31 0.10
N VAL A 313 -3.31 -21.93 0.47
CA VAL A 313 -4.54 -21.20 0.82
C VAL A 313 -4.91 -21.41 2.29
N GLU A 314 -4.87 -20.35 3.05
CA GLU A 314 -5.12 -20.40 4.51
C GLU A 314 -6.44 -19.70 4.75
N THR A 315 -7.39 -20.38 5.40
CA THR A 315 -8.69 -19.74 5.70
C THR A 315 -8.98 -19.66 7.19
N PHE A 316 -8.03 -20.01 8.06
CA PHE A 316 -8.19 -19.76 9.52
C PHE A 316 -9.49 -20.38 10.07
N GLY A 317 -9.84 -21.54 9.52
CA GLY A 317 -11.05 -22.28 9.95
C GLY A 317 -12.35 -21.64 9.51
N THR A 318 -12.35 -20.65 8.61
CA THR A 318 -13.60 -19.93 8.21
C THR A 318 -14.09 -20.39 6.83
N GLU A 319 -13.45 -21.40 6.23
CA GLU A 319 -13.83 -21.88 4.86
C GLU A 319 -15.25 -22.44 4.87
N LYS A 320 -15.98 -22.29 3.76
CA LYS A 320 -17.37 -22.81 3.59
C LYS A 320 -17.33 -24.04 2.69
N VAL A 321 -16.15 -24.36 2.19
CA VAL A 321 -15.95 -25.65 1.48
C VAL A 321 -14.62 -26.18 1.94
N PRO A 322 -14.41 -27.50 1.83
CA PRO A 322 -13.13 -28.08 2.20
C PRO A 322 -11.93 -27.31 1.63
N SER A 323 -10.88 -27.22 2.42
CA SER A 323 -9.62 -26.54 2.05
C SER A 323 -9.00 -27.07 0.74
N GLU A 324 -8.98 -28.40 0.52
CA GLU A 324 -8.34 -29.00 -0.70
C GLU A 324 -9.07 -28.54 -1.97
N GLN A 325 -10.39 -28.47 -1.90
CA GLN A 325 -11.27 -27.99 -2.98
C GLN A 325 -10.96 -26.52 -3.31
N LEU A 326 -10.63 -25.71 -2.30
CA LEU A 326 -10.23 -24.29 -2.52
C LEU A 326 -8.93 -24.20 -3.29
N THR A 327 -7.96 -24.98 -2.88
CA THR A 327 -6.65 -25.00 -3.58
C THR A 327 -6.90 -25.32 -5.05
N LEU A 328 -7.75 -26.32 -5.31
CA LEU A 328 -8.16 -26.67 -6.70
C LEU A 328 -8.84 -25.50 -7.41
N LEU A 329 -9.82 -24.90 -6.77
CA LEU A 329 -10.52 -23.75 -7.42
C LEU A 329 -9.44 -22.74 -7.84
N VAL A 330 -8.44 -22.44 -6.97
CA VAL A 330 -7.41 -21.42 -7.29
C VAL A 330 -6.60 -21.81 -8.56
N ARG A 331 -6.07 -23.02 -8.64
CA ARG A 331 -5.33 -23.52 -9.85
C ARG A 331 -6.25 -23.43 -11.08
N GLU A 332 -7.51 -23.78 -10.92
CA GLU A 332 -8.54 -23.73 -12.01
C GLU A 332 -8.76 -22.31 -12.51
N PHE A 333 -9.03 -21.31 -11.65
CA PHE A 333 -9.57 -20.01 -12.15
C PHE A 333 -8.47 -19.00 -12.38
N PHE A 334 -7.29 -19.19 -11.80
CA PHE A 334 -6.23 -18.14 -11.78
C PHE A 334 -4.98 -18.75 -12.41
N ASP A 335 -4.39 -18.04 -13.37
CA ASP A 335 -3.08 -18.35 -14.00
C ASP A 335 -1.98 -17.56 -13.26
N LEU A 336 -1.28 -18.18 -12.32
CA LEU A 336 -0.28 -17.50 -11.46
C LEU A 336 1.10 -17.56 -12.10
N ARG A 337 1.20 -17.96 -13.39
CA ARG A 337 2.49 -17.84 -14.08
C ARG A 337 2.76 -16.37 -14.27
N PRO A 338 4.03 -15.93 -14.26
CA PRO A 338 4.36 -14.51 -14.19
C PRO A 338 3.68 -13.64 -15.25
N TYR A 339 3.39 -14.21 -16.43
CA TYR A 339 2.81 -13.44 -17.57
C TYR A 339 1.32 -13.68 -17.62
N GLY A 340 0.85 -14.79 -17.05
CA GLY A 340 -0.56 -14.97 -16.68
C GLY A 340 -1.01 -13.88 -15.72
N LEU A 341 -0.14 -13.48 -14.80
CA LEU A 341 -0.45 -12.38 -13.86
C LEU A 341 -0.74 -11.08 -14.60
N ILE A 342 0.14 -10.72 -15.51
CA ILE A 342 0.10 -9.40 -16.19
C ILE A 342 -1.20 -9.33 -17.03
N GLN A 343 -1.50 -10.43 -17.70
CA GLN A 343 -2.77 -10.62 -18.46
C GLN A 343 -3.98 -10.59 -17.53
N MET A 344 -3.96 -11.41 -16.45
CA MET A 344 -5.03 -11.51 -15.42
C MET A 344 -5.39 -10.08 -14.94
N LEU A 345 -4.43 -9.16 -14.80
CA LEU A 345 -4.68 -7.88 -14.09
C LEU A 345 -4.52 -6.64 -14.97
N ASP A 346 -4.30 -6.81 -16.26
CA ASP A 346 -4.10 -5.68 -17.20
C ASP A 346 -3.07 -4.69 -16.63
N LEU A 347 -1.81 -5.10 -16.43
CA LEU A 347 -0.91 -4.32 -15.56
C LEU A 347 -0.06 -3.35 -16.36
N LEU A 348 -0.04 -3.40 -17.70
CA LEU A 348 0.97 -2.63 -18.47
C LEU A 348 0.46 -1.21 -18.74
N HIS A 349 0.26 -0.44 -17.69
CA HIS A 349 -0.28 0.95 -17.77
C HIS A 349 0.31 1.74 -16.63
N PRO A 350 0.44 3.07 -16.77
CA PRO A 350 1.05 3.93 -15.76
C PRO A 350 0.11 4.26 -14.60
N ILE A 351 -0.15 3.25 -13.74
CA ILE A 351 -1.18 3.26 -12.66
C ILE A 351 -0.55 3.19 -11.29
N TYR A 352 0.78 3.29 -11.23
CA TYR A 352 1.50 2.86 -10.00
C TYR A 352 1.78 4.04 -9.10
N LYS A 353 2.07 5.24 -9.61
CA LYS A 353 2.30 6.35 -8.65
C LYS A 353 1.16 6.42 -7.63
N GLU A 354 -0.06 6.17 -8.08
CA GLU A 354 -1.24 6.27 -7.16
C GLU A 354 -1.17 5.23 -6.03
N THR A 355 -0.49 4.10 -6.23
CA THR A 355 -0.40 3.05 -5.18
C THR A 355 0.62 3.41 -4.09
N ALA A 356 1.54 4.32 -4.39
CA ALA A 356 2.82 4.48 -3.65
C ALA A 356 2.62 5.33 -2.40
N ALA A 357 1.41 5.78 -2.12
CA ALA A 357 1.02 6.28 -0.80
C ALA A 357 -0.43 5.88 -0.50
N TYR A 358 -0.72 5.63 0.78
CA TYR A 358 -2.06 5.35 1.36
C TYR A 358 -2.51 3.92 1.01
N GLY A 359 -1.57 3.04 0.66
CA GLY A 359 -1.82 1.60 0.59
C GLY A 359 -2.09 1.07 -0.83
N HIS A 360 -1.59 -0.12 -1.14
CA HIS A 360 -1.74 -0.75 -2.49
C HIS A 360 -3.07 -1.48 -2.57
N PHE A 361 -3.71 -1.71 -1.44
CA PHE A 361 -4.97 -2.47 -1.36
C PHE A 361 -6.08 -1.65 -0.70
N GLY A 362 -7.31 -1.96 -1.08
CA GLY A 362 -8.49 -1.45 -0.41
C GLY A 362 -9.10 -0.33 -1.21
N ARG A 363 -8.45 0.16 -2.28
CA ARG A 363 -9.01 1.16 -3.22
C ARG A 363 -9.49 0.44 -4.45
N GLU A 364 -10.79 0.49 -4.67
CA GLU A 364 -11.44 -0.58 -5.45
C GLU A 364 -11.40 -0.31 -6.96
N HIS A 365 -10.78 0.78 -7.41
CA HIS A 365 -10.58 1.01 -8.86
C HIS A 365 -9.32 0.29 -9.35
N PHE A 366 -8.43 -0.17 -8.47
CA PHE A 366 -7.24 -0.92 -8.93
C PHE A 366 -7.71 -2.26 -9.48
N PRO A 367 -7.04 -2.75 -10.52
CA PRO A 367 -7.45 -3.98 -11.19
C PRO A 367 -7.45 -5.20 -10.28
N TRP A 368 -6.52 -5.27 -9.30
CA TRP A 368 -6.44 -6.44 -8.37
C TRP A 368 -7.50 -6.35 -7.24
N GLU A 369 -8.32 -5.28 -7.23
CA GLU A 369 -9.42 -5.13 -6.26
C GLU A 369 -10.78 -5.47 -6.92
N LYS A 370 -10.83 -5.84 -8.18
CA LYS A 370 -12.10 -6.24 -8.82
C LYS A 370 -12.54 -7.58 -8.26
N THR A 371 -13.83 -7.77 -8.01
CA THR A 371 -14.36 -9.08 -7.55
C THR A 371 -15.13 -9.76 -8.69
N ASP A 372 -14.52 -9.77 -9.85
CA ASP A 372 -15.20 -10.21 -11.10
C ASP A 372 -15.10 -11.74 -11.21
N LYS A 373 -14.42 -12.42 -10.27
CA LYS A 373 -14.41 -13.90 -10.26
C LYS A 373 -15.34 -14.47 -9.16
N ALA A 374 -15.93 -13.64 -8.29
CA ALA A 374 -16.58 -14.15 -7.07
C ALA A 374 -17.74 -15.10 -7.43
N GLN A 375 -18.65 -14.69 -8.33
CA GLN A 375 -19.81 -15.56 -8.67
C GLN A 375 -19.30 -16.86 -9.33
N LEU A 376 -18.34 -16.77 -10.26
CA LEU A 376 -17.66 -17.92 -10.89
C LEU A 376 -17.18 -18.92 -9.84
N LEU A 377 -16.35 -18.48 -8.87
CA LEU A 377 -15.84 -19.37 -7.81
C LEU A 377 -17.03 -19.95 -7.06
N ARG A 378 -18.01 -19.10 -6.71
CA ARG A 378 -19.15 -19.59 -5.91
C ARG A 378 -19.88 -20.71 -6.67
N ASP A 379 -20.17 -20.49 -7.94
CA ASP A 379 -20.84 -21.50 -8.79
C ASP A 379 -20.00 -22.77 -8.85
N ALA A 380 -18.70 -22.65 -9.10
CA ALA A 380 -17.77 -23.78 -9.32
C ALA A 380 -17.67 -24.60 -8.03
N ALA A 381 -17.82 -23.98 -6.85
CA ALA A 381 -17.75 -24.67 -5.54
C ALA A 381 -19.05 -25.41 -5.18
N GLY A 382 -20.12 -25.25 -5.94
CA GLY A 382 -21.43 -25.86 -5.62
C GLY A 382 -22.15 -25.22 -4.44
N LEU A 383 -21.85 -23.97 -4.09
CA LEU A 383 -22.61 -23.17 -3.08
C LEU A 383 -23.89 -22.60 -3.74
N LYS A 384 -25.07 -23.00 -3.25
CA LYS A 384 -26.42 -22.55 -3.71
C LYS A 384 -27.46 -23.28 -2.87
N HIS A 385 -28.60 -22.62 -2.59
CA HIS A 385 -29.60 -23.11 -1.60
C HIS A 385 -30.53 -24.17 -2.22
N HIS A 386 -30.68 -25.32 -1.55
CA HIS A 386 -31.68 -26.37 -1.88
C HIS A 386 -33.00 -26.09 -1.13
N HIS A 387 -34.16 -26.14 -1.81
CA HIS A 387 -35.52 -25.99 -1.23
C HIS A 387 -36.30 -27.32 -1.23
N HIS A 388 -36.96 -27.66 -0.10
CA HIS A 388 -38.09 -28.61 0.02
C HIS A 388 -37.60 -30.06 0.09
PG ANP B . 11.59 1.90 9.22
O1G ANP B . 11.90 2.68 7.92
O2G ANP B . 10.15 1.67 9.58
O3G ANP B . 12.48 0.71 9.56
PB ANP B . 12.71 4.31 10.59
O1B ANP B . 13.30 4.48 11.95
O2B ANP B . 13.63 4.60 9.42
N3B ANP B . 12.06 2.83 10.51
PA ANP B . 10.02 5.38 9.99
O1A ANP B . 10.41 5.40 8.58
O2A ANP B . 9.15 4.29 10.37
O3A ANP B . 11.44 5.34 10.79
O5' ANP B . 9.47 6.85 10.52
C5' ANP B . 10.16 7.95 11.29
C4' ANP B . 9.32 9.21 11.27
O4' ANP B . 9.15 9.84 12.56
C3' ANP B . 9.81 10.46 10.53
O3' ANP B . 10.18 10.24 9.18
C2' ANP B . 8.59 11.33 10.80
O2' ANP B . 7.35 11.00 10.20
C1' ANP B . 8.47 11.06 12.31
N9 ANP B . 9.02 12.18 13.15
C8 ANP B . 10.09 13.01 12.87
N7 ANP B . 10.25 13.94 13.78
C5 ANP B . 9.17 13.78 14.64
C6 ANP B . 8.76 14.48 15.78
N6 ANP B . 9.38 15.57 16.22
N1 ANP B . 7.62 14.07 16.38
C2 ANP B . 6.96 13.02 15.90
N3 ANP B . 7.27 12.25 14.85
C4 ANP B . 8.39 12.70 14.26
MG MG C . 9.13 2.31 11.48
MG MG D . 12.09 4.43 7.72
K K E . 15.86 6.19 8.29
#